data_1QPJ
#
_entry.id   1QPJ
#
_cell.length_a   61.540
_cell.length_b   69.040
_cell.length_c   73.730
_cell.angle_alpha   90.00
_cell.angle_beta   90.00
_cell.angle_gamma   90.00
#
_symmetry.space_group_name_H-M   'P 21 21 21'
#
loop_
_entity.id
_entity.type
_entity.pdbx_description
1 polymer 'LCK TYROSINE KINASE'
2 non-polymer 'SULFATE ION'
3 non-polymer STAUROSPORINE
4 water water
#
_entity_poly.entity_id   1
_entity_poly.type   'polypeptide(L)'
_entity_poly.pdbx_seq_one_letter_code
;KPWWEDEWEVPRETLKLVERLGAGQFGEVWMGYYNGHTKVAVKSLKQGSMSPDAFLAEANLMKQLQHQRLVRLYAVVTQE
PIYIITEYMENGSLVDFLKTPSGIKLTINKLLDMAAQIAEGMAFIEERNYIHRDLRAANILVSDTLSCKIADFGLARLIE
DNE(PTR)TAREGAKFPIKWTAPEAINYGTFTIKSDVWSFGILLTEIVTHGRIPYPGMTNPEVIQNLERGYRMVRPDNCP
EELYQLMRLCWKERPEDRPTFDYLRSVLEDFFTATEGQYQPQP
;
_entity_poly.pdbx_strand_id   A
#
# COMPACT_ATOMS: atom_id res chain seq x y z
N ASP A 6 18.68 -18.09 0.26
CA ASP A 6 18.55 -19.52 0.64
C ASP A 6 18.54 -19.57 2.16
N GLU A 7 19.23 -18.64 2.80
CA GLU A 7 19.30 -18.56 4.25
C GLU A 7 17.95 -18.14 4.82
N TRP A 8 17.05 -17.66 3.96
CA TRP A 8 15.70 -17.26 4.39
C TRP A 8 14.79 -18.49 4.34
N GLU A 9 15.36 -19.61 3.91
CA GLU A 9 14.60 -20.88 3.79
C GLU A 9 14.29 -21.57 5.13
N VAL A 10 13.12 -22.22 5.20
CA VAL A 10 12.71 -22.97 6.38
C VAL A 10 12.00 -24.18 5.83
N PRO A 11 12.12 -25.34 6.53
CA PRO A 11 11.43 -26.54 6.05
C PRO A 11 9.95 -26.26 6.16
N ARG A 12 9.21 -26.75 5.19
CA ARG A 12 7.78 -26.60 5.08
C ARG A 12 7.01 -27.04 6.32
N GLU A 13 7.57 -28.03 7.03
CA GLU A 13 7.01 -28.61 8.25
C GLU A 13 6.88 -27.69 9.46
N THR A 14 7.63 -26.59 9.49
CA THR A 14 7.53 -25.61 10.59
C THR A 14 6.26 -24.74 10.51
N LEU A 15 5.53 -24.85 9.39
CA LEU A 15 4.33 -24.07 9.12
C LEU A 15 3.05 -24.87 9.18
N LYS A 16 2.01 -24.28 9.75
CA LYS A 16 0.76 -24.99 9.83
C LYS A 16 -0.26 -23.90 9.51
N LEU A 17 -0.94 -24.02 8.36
CA LEU A 17 -1.92 -23.03 7.93
C LEU A 17 -3.21 -23.24 8.70
N VAL A 18 -3.92 -22.15 8.96
CA VAL A 18 -5.14 -22.23 9.76
C VAL A 18 -6.38 -21.74 9.03
N GLU A 19 -6.23 -20.63 8.30
CA GLU A 19 -7.36 -20.05 7.59
C GLU A 19 -6.95 -19.03 6.54
N ARG A 20 -7.71 -18.96 5.44
CA ARG A 20 -7.42 -18.02 4.39
C ARG A 20 -7.70 -16.55 4.80
N LEU A 21 -6.73 -15.68 4.51
CA LEU A 21 -6.80 -14.25 4.84
C LEU A 21 -7.23 -13.42 3.65
N GLY A 22 -6.66 -13.78 2.51
CA GLY A 22 -6.94 -13.11 1.29
C GLY A 22 -6.52 -13.98 0.14
N ALA A 23 -6.87 -13.55 -1.05
CA ALA A 23 -6.56 -14.29 -2.25
C ALA A 23 -6.31 -13.30 -3.35
N GLY A 24 -5.75 -13.79 -4.43
CA GLY A 24 -5.44 -12.93 -5.56
C GLY A 24 -5.25 -13.77 -6.81
N GLN A 25 -5.01 -13.07 -7.89
CA GLN A 25 -4.82 -13.65 -9.20
C GLN A 25 -3.70 -14.66 -9.13
N PHE A 26 -2.72 -14.37 -8.29
CA PHE A 26 -1.57 -15.22 -8.19
C PHE A 26 -1.48 -16.19 -7.03
N GLY A 27 -2.57 -16.38 -6.29
CA GLY A 27 -2.55 -17.31 -5.17
C GLY A 27 -3.33 -16.79 -3.97
N GLU A 28 -3.02 -17.32 -2.80
CA GLU A 28 -3.73 -16.92 -1.59
C GLU A 28 -2.75 -16.59 -0.46
N VAL A 29 -3.30 -16.06 0.64
CA VAL A 29 -2.55 -15.71 1.81
C VAL A 29 -3.33 -16.32 2.93
N TRP A 30 -2.68 -17.22 3.67
CA TRP A 30 -3.30 -17.89 4.80
C TRP A 30 -2.64 -17.45 6.09
N MET A 31 -3.40 -17.52 7.18
CA MET A 31 -2.82 -17.24 8.48
C MET A 31 -2.31 -18.58 8.95
N GLY A 32 -1.19 -18.57 9.68
CA GLY A 32 -0.65 -19.81 10.20
C GLY A 32 0.31 -19.62 11.37
N TYR A 33 0.89 -20.72 11.82
CA TYR A 33 1.86 -20.66 12.91
C TYR A 33 3.14 -21.27 12.44
N TYR A 34 4.22 -20.61 12.82
CA TYR A 34 5.55 -21.04 12.52
C TYR A 34 6.03 -21.67 13.83
N ASN A 35 6.48 -22.93 13.74
CA ASN A 35 6.97 -23.71 14.87
C ASN A 35 6.01 -23.62 16.04
N GLY A 36 4.74 -23.67 15.73
CA GLY A 36 3.70 -23.63 16.76
C GLY A 36 3.41 -22.34 17.52
N HIS A 37 4.42 -21.57 17.92
CA HIS A 37 4.10 -20.39 18.73
C HIS A 37 3.95 -19.02 18.10
N THR A 38 4.40 -18.86 16.87
CA THR A 38 4.36 -17.55 16.23
C THR A 38 3.44 -17.47 15.00
N LYS A 39 2.48 -16.55 15.06
CA LYS A 39 1.54 -16.30 13.96
C LYS A 39 2.24 -15.66 12.79
N VAL A 40 1.95 -16.16 11.61
CA VAL A 40 2.57 -15.64 10.38
C VAL A 40 1.54 -15.62 9.26
N ALA A 41 1.85 -14.90 8.20
CA ALA A 41 1.03 -14.82 6.98
C ALA A 41 1.87 -15.64 6.01
N VAL A 42 1.22 -16.50 5.22
CA VAL A 42 1.92 -17.32 4.30
C VAL A 42 1.33 -17.12 2.94
N LYS A 43 2.08 -16.46 2.07
CA LYS A 43 1.59 -16.25 0.71
C LYS A 43 2.04 -17.43 -0.18
N SER A 44 1.07 -17.97 -0.93
CA SER A 44 1.30 -19.10 -1.83
C SER A 44 1.07 -18.72 -3.28
N LEU A 45 1.79 -19.38 -4.18
CA LEU A 45 1.66 -19.14 -5.61
C LEU A 45 0.70 -20.14 -6.26
N LYS A 46 -0.18 -19.63 -7.12
CA LYS A 46 -1.15 -20.46 -7.87
C LYS A 46 -0.32 -21.00 -9.03
N GLN A 47 0.09 -22.27 -8.93
CA GLN A 47 0.92 -22.87 -9.98
C GLN A 47 0.33 -22.54 -11.34
N GLY A 48 1.16 -21.89 -12.17
CA GLY A 48 0.76 -21.52 -13.51
C GLY A 48 0.56 -20.03 -13.72
N SER A 49 0.01 -19.36 -12.71
CA SER A 49 -0.25 -17.94 -12.81
C SER A 49 1.03 -17.18 -13.12
N MET A 50 2.04 -17.28 -12.25
CA MET A 50 3.34 -16.59 -12.42
C MET A 50 4.41 -17.65 -12.42
N SER A 51 5.62 -17.23 -12.78
CA SER A 51 6.76 -18.14 -12.76
C SER A 51 7.27 -18.09 -11.32
N PRO A 52 7.91 -19.18 -10.86
CA PRO A 52 8.45 -19.20 -9.49
C PRO A 52 9.30 -17.99 -9.21
N ASP A 53 10.20 -17.68 -10.14
CA ASP A 53 11.08 -16.53 -9.95
C ASP A 53 10.26 -15.27 -9.79
N ALA A 54 9.36 -15.02 -10.74
CA ALA A 54 8.53 -13.84 -10.68
C ALA A 54 7.91 -13.71 -9.29
N PHE A 55 7.48 -14.82 -8.70
CA PHE A 55 6.83 -14.83 -7.39
C PHE A 55 7.77 -14.43 -6.26
N LEU A 56 8.90 -15.12 -6.21
CA LEU A 56 9.95 -14.96 -5.23
C LEU A 56 10.70 -13.65 -5.35
N ALA A 57 10.49 -12.97 -6.47
CA ALA A 57 11.11 -11.69 -6.72
C ALA A 57 10.60 -10.75 -5.63
N GLU A 58 9.29 -10.84 -5.35
CA GLU A 58 8.71 -10.00 -4.30
C GLU A 58 9.41 -10.22 -2.95
N ALA A 59 9.84 -11.44 -2.62
CA ALA A 59 10.52 -11.69 -1.34
C ALA A 59 11.97 -11.22 -1.35
N ASN A 60 12.62 -11.31 -2.50
CA ASN A 60 13.99 -10.84 -2.51
C ASN A 60 14.04 -9.31 -2.34
N LEU A 61 12.98 -8.63 -2.76
CA LEU A 61 12.95 -7.19 -2.65
C LEU A 61 12.73 -6.83 -1.19
N MET A 62 11.93 -7.63 -0.51
CA MET A 62 11.63 -7.40 0.89
C MET A 62 12.88 -7.64 1.77
N LYS A 63 13.84 -8.42 1.26
CA LYS A 63 15.08 -8.71 2.00
C LYS A 63 15.94 -7.46 2.07
N GLN A 64 15.76 -6.57 1.08
CA GLN A 64 16.51 -5.33 0.97
C GLN A 64 15.84 -4.15 1.61
N LEU A 65 14.55 -4.29 1.91
CA LEU A 65 13.77 -3.20 2.50
C LEU A 65 13.13 -3.55 3.83
N GLN A 66 13.86 -3.36 4.90
CA GLN A 66 13.31 -3.66 6.21
C GLN A 66 13.09 -2.40 7.03
N HIS A 67 11.93 -2.33 7.68
CA HIS A 67 11.57 -1.18 8.48
C HIS A 67 10.36 -1.51 9.34
N GLN A 68 10.17 -0.85 10.47
CA GLN A 68 8.99 -1.16 11.29
C GLN A 68 7.70 -0.88 10.54
N ARG A 69 7.66 0.21 9.76
CA ARG A 69 6.45 0.60 9.02
C ARG A 69 6.17 -0.23 7.76
N LEU A 70 6.96 -1.27 7.53
CA LEU A 70 6.77 -2.16 6.38
C LEU A 70 6.72 -3.64 6.83
N VAL A 71 5.73 -4.32 6.27
CA VAL A 71 5.43 -5.74 6.44
C VAL A 71 6.75 -6.52 6.26
N ARG A 72 7.20 -7.16 7.32
CA ARG A 72 8.46 -7.88 7.35
C ARG A 72 8.48 -9.28 6.85
N LEU A 73 9.45 -9.56 5.98
CA LEU A 73 9.64 -10.90 5.42
C LEU A 73 10.21 -11.76 6.56
N TYR A 74 9.72 -12.97 6.70
CA TYR A 74 10.16 -13.86 7.75
C TYR A 74 10.97 -15.00 7.19
N ALA A 75 10.38 -15.72 6.24
CA ALA A 75 10.99 -16.90 5.63
C ALA A 75 10.40 -17.17 4.26
N VAL A 76 11.00 -18.12 3.54
CA VAL A 76 10.51 -18.51 2.24
C VAL A 76 10.59 -20.02 2.16
N VAL A 77 9.75 -20.60 1.31
CA VAL A 77 9.78 -22.04 1.03
C VAL A 77 9.90 -22.09 -0.51
N THR A 78 11.13 -22.27 -1.00
CA THR A 78 11.42 -22.32 -2.45
C THR A 78 11.09 -23.59 -3.20
N GLN A 79 10.34 -24.51 -2.58
CA GLN A 79 9.98 -25.72 -3.30
C GLN A 79 8.47 -25.76 -3.40
N GLU A 80 8.00 -26.23 -4.55
CA GLU A 80 6.58 -26.25 -4.82
C GLU A 80 5.78 -27.08 -3.83
N PRO A 81 4.67 -26.50 -3.33
CA PRO A 81 4.24 -25.14 -3.69
C PRO A 81 5.08 -24.09 -2.93
N ILE A 82 5.51 -23.04 -3.63
CA ILE A 82 6.36 -21.98 -3.05
C ILE A 82 5.60 -21.09 -2.05
N TYR A 83 6.27 -20.73 -0.97
CA TYR A 83 5.68 -19.89 0.06
C TYR A 83 6.55 -18.69 0.29
N ILE A 84 5.90 -17.58 0.63
CA ILE A 84 6.56 -16.33 1.05
C ILE A 84 5.90 -16.13 2.44
N ILE A 85 6.69 -16.29 3.49
CA ILE A 85 6.18 -16.16 4.85
C ILE A 85 6.52 -14.78 5.35
N THR A 86 5.54 -14.10 5.96
CA THR A 86 5.76 -12.77 6.47
C THR A 86 5.07 -12.56 7.80
N GLU A 87 5.32 -11.36 8.32
CA GLU A 87 4.77 -10.83 9.55
C GLU A 87 3.23 -10.79 9.42
N TYR A 88 2.56 -11.16 10.52
CA TYR A 88 1.10 -11.18 10.57
C TYR A 88 0.54 -9.86 11.17
N MET A 89 -0.49 -9.34 10.53
CA MET A 89 -1.13 -8.09 10.93
C MET A 89 -2.56 -8.45 11.27
N GLU A 90 -2.82 -8.52 12.56
CA GLU A 90 -4.08 -8.98 13.08
C GLU A 90 -5.38 -8.30 12.65
N ASN A 91 -5.31 -7.01 12.29
CA ASN A 91 -6.52 -6.34 11.91
C ASN A 91 -6.73 -6.19 10.44
N GLY A 92 -5.98 -6.91 9.59
CA GLY A 92 -6.20 -6.84 8.15
C GLY A 92 -6.00 -5.53 7.38
N SER A 93 -6.62 -5.44 6.20
CA SER A 93 -6.51 -4.24 5.39
C SER A 93 -7.15 -3.04 6.03
N LEU A 94 -6.49 -1.92 5.94
CA LEU A 94 -7.03 -0.64 6.43
C LEU A 94 -8.42 -0.38 5.73
N VAL A 95 -8.55 -0.67 4.43
CA VAL A 95 -9.83 -0.40 3.77
C VAL A 95 -11.04 -1.16 4.37
N ASP A 96 -10.80 -2.37 4.84
CA ASP A 96 -11.83 -3.22 5.45
C ASP A 96 -11.98 -2.89 6.91
N PHE A 97 -10.88 -2.68 7.60
CA PHE A 97 -10.96 -2.39 9.02
C PHE A 97 -11.74 -1.10 9.34
N LEU A 98 -11.57 -0.05 8.52
CA LEU A 98 -12.24 1.24 8.77
C LEU A 98 -13.74 1.12 8.74
N LYS A 99 -14.23 0.03 8.13
CA LYS A 99 -15.67 -0.31 7.97
C LYS A 99 -16.18 -1.24 9.09
N THR A 100 -15.30 -1.73 9.94
CA THR A 100 -15.74 -2.60 11.01
C THR A 100 -16.30 -1.74 12.15
N PRO A 101 -16.88 -2.37 13.20
CA PRO A 101 -17.44 -1.56 14.31
C PRO A 101 -16.33 -0.77 14.98
N SER A 102 -15.20 -1.44 15.09
CA SER A 102 -13.99 -0.95 15.71
C SER A 102 -13.40 0.23 14.93
N GLY A 103 -13.46 0.16 13.59
CA GLY A 103 -12.92 1.22 12.74
C GLY A 103 -13.82 2.43 12.54
N ILE A 104 -15.11 2.17 12.55
CA ILE A 104 -16.08 3.24 12.39
C ILE A 104 -15.93 4.21 13.55
N LYS A 105 -15.52 3.69 14.70
CA LYS A 105 -15.29 4.45 15.91
C LYS A 105 -14.08 5.43 15.91
N LEU A 106 -13.03 5.12 15.16
CA LEU A 106 -11.82 5.97 15.10
C LEU A 106 -12.10 7.43 14.92
N THR A 107 -11.48 8.28 15.74
CA THR A 107 -11.66 9.73 15.61
C THR A 107 -10.73 10.28 14.53
N ILE A 108 -10.97 11.50 14.08
CA ILE A 108 -10.10 12.14 13.06
C ILE A 108 -8.65 12.22 13.57
N ASN A 109 -8.47 12.25 14.90
CA ASN A 109 -7.13 12.30 15.47
C ASN A 109 -6.34 10.99 15.26
N LYS A 110 -7.03 9.86 15.31
CA LYS A 110 -6.40 8.59 15.08
C LYS A 110 -6.26 8.38 13.54
N LEU A 111 -7.19 8.91 12.76
CA LEU A 111 -7.12 8.79 11.32
C LEU A 111 -5.89 9.53 10.80
N LEU A 112 -5.61 10.68 11.41
CA LEU A 112 -4.42 11.50 11.04
C LEU A 112 -3.13 10.79 11.49
N ASP A 113 -3.14 10.18 12.67
CA ASP A 113 -2.01 9.43 13.20
C ASP A 113 -1.62 8.31 12.19
N MET A 114 -2.59 7.50 11.79
CA MET A 114 -2.38 6.42 10.83
C MET A 114 -1.87 6.94 9.45
N ALA A 115 -2.44 8.04 8.98
CA ALA A 115 -2.01 8.63 7.71
C ALA A 115 -0.52 8.95 7.83
N ALA A 116 -0.16 9.65 8.90
CA ALA A 116 1.25 9.98 9.19
C ALA A 116 2.13 8.72 9.26
N GLN A 117 1.61 7.63 9.86
CA GLN A 117 2.32 6.33 9.94
C GLN A 117 2.60 5.72 8.56
N ILE A 118 1.60 5.79 7.69
CA ILE A 118 1.77 5.33 6.32
C ILE A 118 2.82 6.22 5.59
N ALA A 119 2.75 7.56 5.76
CA ALA A 119 3.73 8.48 5.09
C ALA A 119 5.16 8.19 5.56
N GLU A 120 5.30 7.86 6.85
CA GLU A 120 6.58 7.51 7.48
C GLU A 120 7.11 6.21 6.81
N GLY A 121 6.23 5.27 6.56
CA GLY A 121 6.66 4.07 5.87
C GLY A 121 7.10 4.50 4.45
N MET A 122 6.27 5.32 3.80
CA MET A 122 6.59 5.76 2.46
C MET A 122 7.87 6.63 2.38
N ALA A 123 8.20 7.33 3.47
CA ALA A 123 9.40 8.14 3.54
C ALA A 123 10.69 7.27 3.47
N PHE A 124 10.67 6.12 4.14
CA PHE A 124 11.77 5.16 4.13
C PHE A 124 11.91 4.56 2.73
N ILE A 125 10.80 4.17 2.12
CA ILE A 125 10.80 3.62 0.76
C ILE A 125 11.44 4.68 -0.18
N GLU A 126 11.05 5.93 0.03
CA GLU A 126 11.58 7.09 -0.72
C GLU A 126 13.12 7.23 -0.55
N GLU A 127 13.60 7.31 0.71
CA GLU A 127 15.03 7.44 0.97
C GLU A 127 15.85 6.30 0.36
N ARG A 128 15.27 5.11 0.29
CA ARG A 128 15.97 3.93 -0.29
C ARG A 128 15.89 3.83 -1.80
N ASN A 129 15.33 4.84 -2.46
CA ASN A 129 15.21 4.83 -3.92
C ASN A 129 14.30 3.74 -4.54
N TYR A 130 13.26 3.36 -3.82
CA TYR A 130 12.28 2.42 -4.33
C TYR A 130 10.94 3.12 -4.55
N ILE A 131 10.06 2.45 -5.30
CA ILE A 131 8.69 2.91 -5.52
C ILE A 131 7.82 1.70 -5.19
N HIS A 132 6.57 1.96 -4.80
CA HIS A 132 5.66 0.87 -4.45
C HIS A 132 4.74 0.56 -5.64
N ARG A 133 4.19 1.62 -6.26
CA ARG A 133 3.31 1.53 -7.43
C ARG A 133 1.88 0.99 -7.19
N ASP A 134 1.60 0.57 -5.96
CA ASP A 134 0.31 -0.02 -5.62
C ASP A 134 -0.18 0.53 -4.27
N LEU A 135 0.07 1.80 -4.04
CA LEU A 135 -0.31 2.46 -2.80
C LEU A 135 -1.80 2.80 -2.78
N ARG A 136 -2.52 2.21 -1.83
CA ARG A 136 -3.96 2.38 -1.60
C ARG A 136 -4.27 1.72 -0.24
N ALA A 137 -5.40 2.08 0.35
CA ALA A 137 -5.82 1.56 1.64
C ALA A 137 -5.86 0.00 1.71
N ALA A 138 -6.28 -0.66 0.64
CA ALA A 138 -6.30 -2.10 0.63
C ALA A 138 -4.90 -2.71 0.88
N ASN A 139 -3.85 -1.98 0.50
CA ASN A 139 -2.47 -2.46 0.65
C ASN A 139 -1.76 -1.93 1.93
N ILE A 140 -2.56 -1.35 2.83
CA ILE A 140 -2.04 -0.93 4.12
C ILE A 140 -2.63 -1.94 5.12
N LEU A 141 -1.78 -2.60 5.91
CA LEU A 141 -2.24 -3.54 6.92
C LEU A 141 -2.21 -2.85 8.29
N VAL A 142 -3.10 -3.27 9.18
CA VAL A 142 -3.26 -2.72 10.52
C VAL A 142 -2.98 -3.79 11.57
N SER A 143 -2.17 -3.44 12.57
CA SER A 143 -1.80 -4.40 13.62
C SER A 143 -2.82 -4.40 14.74
N ASP A 144 -2.58 -5.26 15.72
CA ASP A 144 -3.48 -5.34 16.88
C ASP A 144 -3.36 -4.12 17.78
N THR A 145 -2.30 -3.31 17.61
CA THR A 145 -2.13 -2.09 18.42
C THR A 145 -2.53 -0.86 17.61
N LEU A 146 -3.26 -1.11 16.52
CA LEU A 146 -3.73 -0.09 15.59
C LEU A 146 -2.65 0.77 14.91
N SER A 147 -1.49 0.15 14.64
CA SER A 147 -0.39 0.76 13.89
C SER A 147 -0.58 0.23 12.43
N CYS A 148 -0.02 0.95 11.46
CA CYS A 148 -0.14 0.59 10.06
C CYS A 148 1.19 0.23 9.42
N LYS A 149 1.16 -0.73 8.51
CA LYS A 149 2.34 -1.12 7.78
C LYS A 149 1.99 -1.26 6.30
N ILE A 150 2.94 -0.89 5.46
CA ILE A 150 2.75 -0.97 4.02
C ILE A 150 2.97 -2.44 3.70
N ALA A 151 2.13 -2.98 2.82
CA ALA A 151 2.21 -4.35 2.36
C ALA A 151 2.12 -4.44 0.85
N ASP A 152 2.30 -5.66 0.35
CA ASP A 152 2.24 -5.99 -1.07
C ASP A 152 3.25 -5.28 -1.93
N PHE A 153 4.45 -5.82 -1.94
CA PHE A 153 5.54 -5.24 -2.72
C PHE A 153 5.69 -5.90 -4.10
N GLY A 154 4.62 -6.50 -4.61
CA GLY A 154 4.69 -7.17 -5.90
C GLY A 154 4.96 -6.24 -7.10
N LEU A 155 4.57 -4.97 -6.96
CA LEU A 155 4.80 -3.98 -8.01
C LEU A 155 6.00 -3.06 -7.69
N ALA A 156 6.55 -3.14 -6.46
CA ALA A 156 7.67 -2.33 -6.00
C ALA A 156 8.89 -2.54 -6.86
N ARG A 157 9.64 -1.45 -7.05
CA ARG A 157 10.84 -1.48 -7.87
C ARG A 157 11.88 -0.51 -7.36
N LEU A 158 13.15 -0.89 -7.48
CA LEU A 158 14.29 -0.04 -7.10
C LEU A 158 14.43 0.89 -8.30
N ILE A 159 14.67 2.17 -8.05
CA ILE A 159 14.81 3.17 -9.10
C ILE A 159 16.25 3.66 -9.16
N GLU A 160 17.02 3.22 -10.16
CA GLU A 160 18.40 3.67 -10.27
C GLU A 160 18.55 4.83 -11.26
N ASP A 161 17.90 4.69 -12.39
CA ASP A 161 17.92 5.67 -13.43
C ASP A 161 16.56 6.31 -13.15
N ASN A 162 16.49 7.64 -13.23
CA ASN A 162 15.33 8.47 -12.89
C ASN A 162 13.86 8.04 -12.83
N GLU A 163 13.49 6.94 -13.46
CA GLU A 163 12.10 6.54 -13.42
C GLU A 163 12.02 5.07 -13.78
N THR A 165 9.47 2.59 -16.30
CA THR A 165 8.42 2.50 -17.32
C THR A 165 7.85 1.05 -17.39
N ALA A 166 6.54 0.90 -17.17
CA ALA A 166 5.95 -0.45 -17.22
C ALA A 166 5.79 -0.95 -18.67
N ARG A 167 5.69 -2.28 -18.83
CA ARG A 167 5.50 -2.86 -20.18
C ARG A 167 4.25 -2.35 -20.88
N GLU A 168 4.25 -2.44 -22.21
CA GLU A 168 3.14 -1.91 -23.00
C GLU A 168 1.73 -2.36 -22.70
N GLY A 169 1.55 -3.55 -22.16
CA GLY A 169 0.16 -3.98 -21.96
C GLY A 169 -0.39 -3.77 -20.57
N ALA A 170 0.49 -3.39 -19.64
CA ALA A 170 0.16 -3.22 -18.22
C ALA A 170 -0.98 -2.27 -17.94
N LYS A 171 -1.93 -2.74 -17.13
CA LYS A 171 -3.10 -1.95 -16.75
C LYS A 171 -3.01 -1.61 -15.26
N PHE A 172 -3.50 -0.43 -14.89
CA PHE A 172 -3.44 0.05 -13.50
C PHE A 172 -4.77 0.72 -13.09
N PRO A 173 -5.07 0.68 -11.78
CA PRO A 173 -6.26 1.26 -11.11
C PRO A 173 -6.29 2.73 -11.33
N ILE A 174 -7.03 3.15 -12.34
CA ILE A 174 -7.14 4.57 -12.74
C ILE A 174 -7.43 5.60 -11.64
N LYS A 175 -8.40 5.35 -10.76
CA LYS A 175 -8.72 6.27 -9.68
C LYS A 175 -7.54 6.43 -8.69
N TRP A 176 -6.67 5.42 -8.62
CA TRP A 176 -5.53 5.47 -7.69
C TRP A 176 -4.15 5.80 -8.30
N THR A 177 -4.07 5.75 -9.62
CA THR A 177 -2.80 5.95 -10.34
C THR A 177 -2.60 7.33 -10.96
N ALA A 178 -1.38 7.85 -10.85
CA ALA A 178 -1.02 9.17 -11.36
C ALA A 178 -1.21 9.26 -12.86
N PRO A 179 -1.63 10.43 -13.36
CA PRO A 179 -1.88 10.69 -14.78
C PRO A 179 -0.72 10.26 -15.68
N GLU A 180 0.50 10.65 -15.31
CA GLU A 180 1.64 10.27 -16.10
C GLU A 180 1.82 8.75 -16.17
N ALA A 181 1.47 8.04 -15.10
CA ALA A 181 1.61 6.58 -15.07
C ALA A 181 0.54 5.95 -15.98
N ILE A 182 -0.65 6.52 -16.01
CA ILE A 182 -1.76 6.00 -16.82
C ILE A 182 -1.52 6.32 -18.30
N ASN A 183 -0.99 7.53 -18.56
CA ASN A 183 -0.74 7.97 -19.91
C ASN A 183 0.51 7.42 -20.57
N TYR A 184 1.60 7.31 -19.84
CA TYR A 184 2.78 6.79 -20.48
C TYR A 184 3.44 5.63 -19.74
N GLY A 185 2.80 5.07 -18.73
CA GLY A 185 3.43 3.98 -18.00
C GLY A 185 4.63 4.47 -17.18
N THR A 186 4.78 5.76 -16.99
CA THR A 186 5.94 6.21 -16.23
C THR A 186 5.61 6.40 -14.74
N PHE A 187 6.40 5.74 -13.89
CA PHE A 187 6.28 5.78 -12.43
C PHE A 187 7.56 6.27 -11.78
N THR A 188 7.36 7.05 -10.73
CA THR A 188 8.40 7.56 -9.90
C THR A 188 7.75 7.64 -8.50
N ILE A 189 8.50 8.10 -7.52
CA ILE A 189 8.00 8.23 -6.17
C ILE A 189 6.91 9.32 -6.10
N LYS A 190 6.92 10.25 -7.07
CA LYS A 190 5.91 11.30 -7.14
C LYS A 190 4.58 10.68 -7.62
N SER A 191 4.65 9.54 -8.31
CA SER A 191 3.44 8.84 -8.74
C SER A 191 2.80 8.24 -7.47
N ASP A 192 3.62 7.67 -6.59
CA ASP A 192 3.12 7.11 -5.33
C ASP A 192 2.58 8.27 -4.47
N VAL A 193 3.18 9.46 -4.54
CA VAL A 193 2.68 10.58 -3.79
C VAL A 193 1.22 10.90 -4.17
N TRP A 194 0.92 10.88 -5.47
CA TRP A 194 -0.43 11.09 -5.94
C TRP A 194 -1.34 10.00 -5.33
N SER A 195 -0.92 8.73 -5.43
CA SER A 195 -1.71 7.62 -4.87
C SER A 195 -1.99 7.85 -3.40
N PHE A 196 -0.98 8.31 -2.68
CA PHE A 196 -1.14 8.62 -1.27
C PHE A 196 -2.27 9.64 -1.02
N GLY A 197 -2.35 10.69 -1.85
CA GLY A 197 -3.42 11.67 -1.70
C GLY A 197 -4.81 11.02 -1.79
N ILE A 198 -4.96 10.10 -2.75
CA ILE A 198 -6.20 9.34 -2.94
C ILE A 198 -6.38 8.40 -1.71
N LEU A 199 -5.28 7.82 -1.26
CA LEU A 199 -5.32 6.96 -0.09
C LEU A 199 -5.87 7.76 1.10
N LEU A 200 -5.49 9.04 1.21
CA LEU A 200 -5.96 9.87 2.31
C LEU A 200 -7.48 10.02 2.31
N THR A 201 -8.10 10.06 1.12
CA THR A 201 -9.55 10.21 0.97
C THR A 201 -10.23 8.92 1.51
N GLU A 202 -9.59 7.79 1.26
CA GLU A 202 -10.07 6.49 1.73
C GLU A 202 -10.02 6.46 3.24
N ILE A 203 -9.02 7.10 3.84
CA ILE A 203 -8.92 7.11 5.29
C ILE A 203 -10.05 7.95 5.87
N VAL A 204 -10.10 9.25 5.54
CA VAL A 204 -11.14 10.09 6.09
C VAL A 204 -12.60 9.65 5.85
N THR A 205 -12.89 8.89 4.79
CA THR A 205 -14.26 8.44 4.52
C THR A 205 -14.50 7.01 5.06
N HIS A 206 -13.57 6.53 5.85
CA HIS A 206 -13.69 5.17 6.38
C HIS A 206 -13.78 4.05 5.33
N GLY A 207 -13.00 4.15 4.26
CA GLY A 207 -12.97 3.10 3.24
C GLY A 207 -13.81 3.29 1.97
N ARG A 208 -14.32 4.49 1.72
CA ARG A 208 -15.15 4.73 0.52
C ARG A 208 -14.30 4.79 -0.75
N ILE A 209 -14.92 4.45 -1.87
CA ILE A 209 -14.30 4.46 -3.19
C ILE A 209 -13.98 5.93 -3.57
N PRO A 210 -12.77 6.19 -4.10
CA PRO A 210 -12.48 7.59 -4.49
C PRO A 210 -13.45 8.05 -5.62
N TYR A 211 -13.63 9.37 -5.74
CA TYR A 211 -14.49 10.01 -6.73
C TYR A 211 -15.91 9.39 -6.71
N PRO A 212 -16.64 9.55 -5.59
CA PRO A 212 -17.99 9.03 -5.38
C PRO A 212 -18.91 9.35 -6.55
N GLY A 213 -19.58 8.35 -7.10
CA GLY A 213 -20.47 8.57 -8.21
C GLY A 213 -19.82 8.71 -9.58
N MET A 214 -18.49 8.70 -9.69
CA MET A 214 -17.89 8.90 -11.00
C MET A 214 -17.29 7.61 -11.53
N THR A 215 -17.39 7.42 -12.84
CA THR A 215 -16.84 6.29 -13.50
C THR A 215 -15.42 6.67 -13.84
N ASN A 216 -14.64 5.69 -14.29
CA ASN A 216 -13.24 5.87 -14.67
C ASN A 216 -13.04 6.92 -15.76
N PRO A 217 -13.86 6.88 -16.84
CA PRO A 217 -13.73 7.86 -17.91
C PRO A 217 -14.07 9.27 -17.44
N GLU A 218 -15.03 9.37 -16.53
CA GLU A 218 -15.39 10.67 -15.99
C GLU A 218 -14.26 11.22 -15.13
N VAL A 219 -13.54 10.34 -14.44
CA VAL A 219 -12.40 10.78 -13.61
C VAL A 219 -11.29 11.38 -14.50
N ILE A 220 -10.93 10.65 -15.55
CA ILE A 220 -9.90 11.04 -16.52
C ILE A 220 -10.22 12.41 -17.16
N GLN A 221 -11.48 12.56 -17.56
CA GLN A 221 -11.94 13.81 -18.17
C GLN A 221 -11.85 14.97 -17.20
N ASN A 222 -12.39 14.79 -15.99
CA ASN A 222 -12.37 15.88 -15.04
C ASN A 222 -10.92 16.26 -14.63
N LEU A 223 -10.04 15.26 -14.51
CA LEU A 223 -8.65 15.54 -14.19
C LEU A 223 -7.97 16.38 -15.30
N GLU A 224 -8.30 16.09 -16.55
CA GLU A 224 -7.69 16.81 -17.69
C GLU A 224 -8.14 18.29 -17.75
N ARG A 225 -9.33 18.57 -17.21
CA ARG A 225 -9.92 19.90 -17.13
C ARG A 225 -9.29 20.67 -15.96
N GLY A 226 -8.58 19.96 -15.08
CA GLY A 226 -7.97 20.63 -13.95
C GLY A 226 -8.75 20.40 -12.65
N TYR A 227 -9.91 19.76 -12.71
CA TYR A 227 -10.64 19.45 -11.47
C TYR A 227 -9.86 18.35 -10.72
N ARG A 228 -10.15 18.21 -9.44
CA ARG A 228 -9.58 17.15 -8.60
C ARG A 228 -10.76 16.57 -7.81
N MET A 229 -10.52 15.56 -6.99
CA MET A 229 -11.62 14.97 -6.23
C MET A 229 -12.40 15.99 -5.40
N VAL A 230 -13.72 15.92 -5.48
CA VAL A 230 -14.55 16.80 -4.66
C VAL A 230 -14.19 16.56 -3.18
N ARG A 231 -14.18 17.63 -2.37
CA ARG A 231 -13.88 17.51 -0.93
C ARG A 231 -14.68 16.37 -0.33
N PRO A 232 -14.02 15.37 0.25
CA PRO A 232 -14.74 14.26 0.86
C PRO A 232 -15.62 14.81 1.96
N ASP A 233 -16.72 14.14 2.23
CA ASP A 233 -17.61 14.55 3.31
C ASP A 233 -16.85 14.49 4.62
N ASN A 234 -17.14 15.43 5.51
CA ASN A 234 -16.46 15.53 6.81
C ASN A 234 -14.93 15.58 6.77
N CYS A 235 -14.34 16.08 5.69
CA CYS A 235 -12.86 16.12 5.65
C CYS A 235 -12.32 17.50 6.03
N PRO A 236 -11.44 17.58 7.05
CA PRO A 236 -10.86 18.86 7.48
C PRO A 236 -10.22 19.57 6.30
N GLU A 237 -10.47 20.87 6.16
CA GLU A 237 -9.96 21.61 5.00
C GLU A 237 -8.43 21.56 4.91
N GLU A 238 -7.77 21.52 6.08
CA GLU A 238 -6.32 21.43 6.11
C GLU A 238 -5.82 20.15 5.44
N LEU A 239 -6.48 19.04 5.73
CA LEU A 239 -6.11 17.75 5.13
C LEU A 239 -6.42 17.77 3.64
N TYR A 240 -7.56 18.34 3.28
CA TYR A 240 -7.90 18.40 1.86
C TYR A 240 -6.84 19.18 1.06
N GLN A 241 -6.38 20.32 1.59
CA GLN A 241 -5.36 21.09 0.90
C GLN A 241 -4.04 20.28 0.87
N LEU A 242 -3.79 19.43 1.87
CA LEU A 242 -2.60 18.59 1.81
C LEU A 242 -2.82 17.55 0.68
N MET A 243 -4.07 17.10 0.51
CA MET A 243 -4.43 16.15 -0.53
C MET A 243 -4.14 16.76 -1.89
N ARG A 244 -4.57 18.02 -2.07
CA ARG A 244 -4.33 18.77 -3.33
C ARG A 244 -2.83 18.86 -3.70
N LEU A 245 -1.94 19.00 -2.72
CA LEU A 245 -0.48 19.09 -3.02
C LEU A 245 -0.02 17.81 -3.69
N CYS A 246 -0.54 16.67 -3.25
CA CYS A 246 -0.19 15.40 -3.87
C CYS A 246 -0.80 15.32 -5.29
N TRP A 247 -1.76 16.19 -5.60
CA TRP A 247 -2.37 16.09 -6.93
C TRP A 247 -1.92 17.15 -7.94
N LYS A 248 -0.71 17.63 -7.77
CA LYS A 248 -0.20 18.65 -8.68
C LYS A 248 0.08 18.03 -10.00
N GLU A 249 -0.30 18.75 -11.05
CA GLU A 249 -0.11 18.24 -12.41
C GLU A 249 1.32 17.78 -12.68
N ARG A 250 2.30 18.67 -12.47
CA ARG A 250 3.72 18.33 -12.72
C ARG A 250 4.23 17.49 -11.57
N PRO A 251 4.63 16.22 -11.84
CA PRO A 251 5.12 15.38 -10.75
C PRO A 251 6.13 16.00 -9.81
N GLU A 252 7.06 16.77 -10.33
CA GLU A 252 8.09 17.37 -9.46
C GLU A 252 7.55 18.42 -8.50
N ASP A 253 6.32 18.87 -8.73
CA ASP A 253 5.69 19.85 -7.85
C ASP A 253 5.03 19.20 -6.66
N ARG A 254 4.90 17.88 -6.69
CA ARG A 254 4.30 17.16 -5.55
C ARG A 254 5.34 17.07 -4.41
N PRO A 255 4.87 17.10 -3.16
CA PRO A 255 5.85 17.03 -2.05
C PRO A 255 6.50 15.67 -1.85
N THR A 256 7.49 15.66 -0.98
CA THR A 256 8.20 14.43 -0.65
C THR A 256 7.34 13.78 0.45
N PHE A 257 7.57 12.50 0.71
CA PHE A 257 6.83 11.83 1.78
C PHE A 257 7.18 12.25 3.23
N ASP A 258 8.42 12.68 3.45
CA ASP A 258 8.87 13.12 4.77
C ASP A 258 8.12 14.47 5.08
N TYR A 259 7.87 15.26 4.04
CA TYR A 259 7.11 16.50 4.25
C TYR A 259 5.67 16.13 4.54
N LEU A 260 5.13 15.17 3.78
CA LEU A 260 3.76 14.73 4.03
C LEU A 260 3.65 14.25 5.46
N ARG A 261 4.55 13.36 5.88
CA ARG A 261 4.56 12.83 7.25
C ARG A 261 4.68 13.97 8.29
N SER A 262 5.59 14.91 8.03
CA SER A 262 5.78 15.99 9.00
C SER A 262 4.52 16.85 9.17
N VAL A 263 3.80 17.13 8.07
CA VAL A 263 2.59 17.93 8.18
C VAL A 263 1.47 17.16 8.90
N LEU A 264 1.36 15.85 8.59
CA LEU A 264 0.34 14.98 9.18
C LEU A 264 0.56 14.82 10.68
N GLU A 265 1.82 14.74 11.10
CA GLU A 265 2.11 14.66 12.53
C GLU A 265 1.67 15.96 13.19
N ASP A 266 1.86 17.06 12.49
CA ASP A 266 1.43 18.35 13.02
C ASP A 266 -0.09 18.41 13.10
N PHE A 267 -0.80 17.79 12.16
CA PHE A 267 -2.29 17.80 12.24
C PHE A 267 -2.75 16.91 13.40
N PHE A 268 -2.01 15.83 13.62
CA PHE A 268 -2.27 14.87 14.70
C PHE A 268 -2.08 15.54 16.07
N THR A 269 -0.94 16.18 16.29
CA THR A 269 -0.65 16.86 17.55
C THR A 269 -1.70 17.94 17.80
N ALA A 270 -2.13 18.60 16.73
CA ALA A 270 -3.11 19.66 16.88
C ALA A 270 -4.55 19.17 17.09
N THR A 271 -4.80 17.88 16.93
CA THR A 271 -6.16 17.37 17.14
C THR A 271 -6.33 16.37 18.28
#